data_7KOL
#
_entry.id   7KOL
#
_cell.length_a   114.178
_cell.length_b   114.178
_cell.length_c   220.531
_cell.angle_alpha   90.000
_cell.angle_beta   90.000
_cell.angle_gamma   90.000
#
_symmetry.space_group_name_H-M   'I 41 2 2'
#
loop_
_entity.id
_entity.type
_entity.pdbx_description
1 polymer 'Papain-like protease'
2 non-polymer 5-[(E)-(hydroxyimino)methyl]-2-methyl-N-[(1R)-1-(naphthalen-1-yl)ethyl]benzamide
3 non-polymer 'ZINC ION'
4 non-polymer 'CHLORIDE ION'
5 non-polymer '2-(N-MORPHOLINO)-ETHANESULFONIC ACID'
6 water water
#
_entity_poly.entity_id   1
_entity_poly.type   'polypeptide(L)'
_entity_poly.pdbx_seq_one_letter_code
;SNAEVRTIKVFTTVDNINLHTQVVDMSMTYGQQFGPTYLDGADVTKIKPHNSHEGKTFYVLPNDDTLRVEAFEYYHTTDP
SFLGRYMSALNHTKKWKYPQVNGLTSIKWADNNCYLATALLTLQQIELKFNPPALQDAYYRARAGEAANFCALILAYCNK
TVGELGDVRETMSYLFQHANLDSCKRVLNVVCKTCGQQQTTLKGVEAVMYMGTLSYEQFKKGVQIPCTCGKQATKYLVQQ
ESPFVMMSAPPAQYELKHGTFTCASEYTGNYQCGHYKHITSKETLYCIDGALLTKSSEYKGPITDVFYKENSYTTTIK
;
_entity_poly.pdbx_strand_id   A
#
loop_
_chem_comp.id
_chem_comp.type
_chem_comp.name
_chem_comp.formula
CL non-polymer 'CHLORIDE ION' 'Cl -1'
MES non-polymer '2-(N-MORPHOLINO)-ETHANESULFONIC ACID' 'C6 H13 N O4 S'
Y96 non-polymer 5-[(E)-(hydroxyimino)methyl]-2-methyl-N-[(1R)-1-(naphthalen-1-yl)ethyl]benzamide 'C21 H20 N2 O2'
ZN non-polymer 'ZINC ION' 'Zn 2'
#
# COMPACT_ATOMS: atom_id res chain seq x y z
N VAL A 10 -20.36 22.77 16.92
CA VAL A 10 -19.64 21.92 15.90
C VAL A 10 -20.03 20.44 16.09
N PHE A 11 -19.45 19.55 15.26
CA PHE A 11 -19.42 18.07 15.42
C PHE A 11 -17.96 17.59 15.53
N THR A 12 -17.66 16.85 16.61
CA THR A 12 -16.41 16.04 16.77
C THR A 12 -16.64 14.59 16.35
N THR A 13 -15.65 13.98 15.72
CA THR A 13 -15.67 12.57 15.33
C THR A 13 -14.24 12.02 15.36
N VAL A 14 -14.10 10.69 15.24
CA VAL A 14 -12.78 10.06 14.98
C VAL A 14 -12.81 9.37 13.62
N ASP A 15 -14.00 9.04 13.09
CA ASP A 15 -14.15 8.17 11.89
C ASP A 15 -14.90 8.90 10.75
N ASN A 16 -15.44 10.07 11.06
CA ASN A 16 -16.29 10.87 10.14
C ASN A 16 -17.52 10.02 9.77
N ILE A 17 -18.01 9.19 10.68
CA ILE A 17 -19.26 8.38 10.53
C ILE A 17 -20.17 8.62 11.72
N ASN A 18 -19.65 8.44 12.93
CA ASN A 18 -20.33 8.78 14.21
C ASN A 18 -19.96 10.21 14.59
N LEU A 19 -20.92 11.12 14.38
CA LEU A 19 -20.79 12.58 14.67
C LEU A 19 -21.39 12.82 16.06
N HIS A 20 -20.64 13.53 16.92
CA HIS A 20 -20.97 13.85 18.34
C HIS A 20 -21.11 15.38 18.44
N THR A 21 -22.30 15.87 18.83
CA THR A 21 -22.66 17.32 18.90
C THR A 21 -22.00 17.99 20.11
N GLN A 22 -21.17 19.01 19.83
CA GLN A 22 -20.53 19.90 20.84
C GLN A 22 -20.84 21.37 20.49
N VAL A 23 -21.17 22.19 21.51
CA VAL A 23 -21.10 23.68 21.47
C VAL A 23 -19.87 24.11 22.28
N VAL A 24 -19.05 24.99 21.68
CA VAL A 24 -17.74 25.47 22.20
C VAL A 24 -17.94 26.84 22.85
N ASP A 25 -16.89 27.36 23.49
CA ASP A 25 -16.71 28.80 23.78
C ASP A 25 -15.75 29.38 22.74
N MET A 26 -15.99 30.63 22.30
CA MET A 26 -15.16 31.28 21.24
C MET A 26 -13.95 32.02 21.87
N SER A 27 -13.92 32.14 23.21
CA SER A 27 -12.83 32.78 24.01
C SER A 27 -11.76 31.74 24.38
N MET A 28 -12.01 30.45 24.09
CA MET A 28 -11.12 29.30 24.42
C MET A 28 -10.70 28.59 23.13
N THR A 29 -9.41 28.22 23.04
CA THR A 29 -8.84 27.38 21.95
C THR A 29 -9.58 26.05 21.91
N TYR A 30 -9.57 25.39 20.75
CA TYR A 30 -10.07 24.00 20.57
C TYR A 30 -9.31 23.10 21.55
N GLY A 31 -7.97 23.11 21.49
CA GLY A 31 -7.05 22.27 22.30
C GLY A 31 -7.33 22.33 23.81
N GLN A 32 -7.73 23.49 24.33
CA GLN A 32 -8.18 23.61 25.73
C GLN A 32 -9.37 22.69 26.01
N GLN A 33 -10.35 22.63 25.10
CA GLN A 33 -11.72 22.04 25.31
C GLN A 33 -11.80 20.58 24.81
N PHE A 34 -11.03 20.17 23.80
CA PHE A 34 -11.18 18.84 23.12
C PHE A 34 -9.89 18.01 23.08
N GLY A 35 -8.76 18.58 23.49
CA GLY A 35 -7.42 18.07 23.13
C GLY A 35 -7.11 18.31 21.65
N PRO A 36 -6.02 17.71 21.13
CA PRO A 36 -5.63 17.91 19.73
C PRO A 36 -6.88 17.78 18.83
N THR A 37 -7.17 18.83 18.06
CA THR A 37 -8.34 18.93 17.15
C THR A 37 -7.83 19.32 15.76
N TYR A 38 -8.18 18.57 14.71
CA TYR A 38 -7.81 18.94 13.32
C TYR A 38 -9.04 19.35 12.51
N LEU A 39 -8.78 20.16 11.46
CA LEU A 39 -9.75 20.54 10.39
C LEU A 39 -9.16 20.24 9.01
N ASP A 40 -9.78 19.33 8.27
CA ASP A 40 -9.42 18.95 6.89
C ASP A 40 -7.89 18.80 6.77
N GLY A 41 -7.23 18.36 7.86
CA GLY A 41 -5.79 18.01 7.92
C GLY A 41 -4.97 19.07 8.64
N ALA A 42 -5.56 20.25 8.85
CA ALA A 42 -4.88 21.48 9.34
C ALA A 42 -5.10 21.58 10.85
N ASP A 43 -4.07 21.20 11.62
CA ASP A 43 -4.00 21.27 13.11
C ASP A 43 -4.57 22.62 13.59
N VAL A 44 -5.69 22.59 14.32
CA VAL A 44 -6.29 23.82 14.93
C VAL A 44 -6.33 23.64 16.46
N THR A 45 -5.42 22.83 17.02
CA THR A 45 -5.25 22.62 18.48
C THR A 45 -5.22 23.98 19.19
N LYS A 46 -4.25 24.83 18.85
CA LYS A 46 -3.91 26.09 19.59
C LYS A 46 -4.69 27.30 19.04
N ILE A 47 -5.52 27.12 18.02
CA ILE A 47 -6.38 28.17 17.40
C ILE A 47 -7.73 28.20 18.15
N LYS A 48 -8.52 29.26 17.99
CA LYS A 48 -9.86 29.43 18.61
C LYS A 48 -10.90 29.33 17.49
N PRO A 49 -12.21 29.27 17.81
CA PRO A 49 -13.24 29.22 16.75
C PRO A 49 -13.51 30.53 15.98
N HIS A 50 -13.26 30.57 14.65
CA HIS A 50 -13.75 31.62 13.72
CA HIS A 50 -13.77 31.67 13.79
C HIS A 50 -15.29 31.47 13.62
N ASN A 51 -15.97 32.40 12.93
CA ASN A 51 -17.44 32.40 12.72
C ASN A 51 -17.87 31.39 11.63
N SER A 52 -17.03 31.23 10.57
CA SER A 52 -17.19 30.25 9.46
C SER A 52 -16.78 28.83 9.92
N HIS A 53 -16.93 28.57 11.24
CA HIS A 53 -16.68 27.27 11.93
C HIS A 53 -18.00 26.71 12.49
N GLU A 54 -19.13 27.40 12.33
CA GLU A 54 -20.48 26.89 12.73
C GLU A 54 -20.72 25.54 12.04
N GLY A 55 -21.08 24.51 12.82
CA GLY A 55 -21.62 23.22 12.33
C GLY A 55 -20.68 22.41 11.44
N LYS A 56 -19.42 22.84 11.24
CA LYS A 56 -18.36 22.04 10.52
C LYS A 56 -18.03 20.80 11.37
N THR A 57 -17.17 19.91 10.86
CA THR A 57 -16.85 18.60 11.47
C THR A 57 -15.34 18.52 11.75
N PHE A 58 -14.96 18.36 13.02
CA PHE A 58 -13.54 18.29 13.48
C PHE A 58 -13.22 16.85 13.93
N TYR A 59 -12.12 16.32 13.44
CA TYR A 59 -11.43 15.12 13.99
C TYR A 59 -10.78 15.50 15.32
N VAL A 60 -10.91 14.62 16.33
CA VAL A 60 -10.28 14.77 17.68
C VAL A 60 -9.50 13.51 18.05
N LEU A 61 -8.35 13.65 18.70
CA LEU A 61 -7.69 12.50 19.36
C LEU A 61 -8.71 11.86 20.30
N PRO A 62 -8.86 10.51 20.32
CA PRO A 62 -9.78 9.88 21.25
C PRO A 62 -9.40 10.18 22.71
N ASN A 63 -10.34 10.72 23.49
CA ASN A 63 -10.14 11.14 24.90
C ASN A 63 -11.18 10.51 25.85
N ASP A 64 -12.01 9.58 25.38
CA ASP A 64 -13.03 8.85 26.17
C ASP A 64 -13.17 7.46 25.54
N ASP A 65 -13.79 6.54 26.25
CA ASP A 65 -13.85 5.14 25.81
C ASP A 65 -14.61 5.09 24.49
N THR A 66 -15.77 5.74 24.38
CA THR A 66 -16.59 5.69 23.14
C THR A 66 -15.69 6.01 21.94
N LEU A 67 -14.82 7.02 22.06
CA LEU A 67 -14.02 7.48 20.89
C LEU A 67 -12.90 6.49 20.63
N ARG A 68 -12.30 5.91 21.66
CA ARG A 68 -11.24 4.90 21.47
C ARG A 68 -11.81 3.70 20.75
N VAL A 69 -12.95 3.18 21.20
CA VAL A 69 -13.58 2.00 20.57
C VAL A 69 -13.93 2.40 19.14
N GLU A 70 -14.56 3.56 18.91
CA GLU A 70 -14.90 3.97 17.52
C GLU A 70 -13.59 4.06 16.69
N ALA A 71 -12.49 4.56 17.24
CA ALA A 71 -11.21 4.70 16.49
C ALA A 71 -10.66 3.33 16.14
N PHE A 72 -10.65 2.40 17.07
CA PHE A 72 -10.14 1.07 16.76
C PHE A 72 -10.98 0.43 15.65
N GLU A 73 -12.31 0.55 15.77
CA GLU A 73 -13.26 -0.07 14.81
C GLU A 73 -13.11 0.55 13.43
N TYR A 74 -12.70 1.81 13.29
CA TYR A 74 -12.49 2.44 11.97
C TYR A 74 -11.07 2.21 11.42
N TYR A 75 -10.02 2.24 12.24
CA TYR A 75 -8.63 2.22 11.72
C TYR A 75 -7.86 0.91 12.04
N HIS A 76 -8.39 0.11 12.95
CA HIS A 76 -7.73 -1.11 13.44
C HIS A 76 -6.37 -0.79 14.10
N THR A 77 -6.21 0.37 14.73
CA THR A 77 -5.06 0.62 15.63
C THR A 77 -5.47 1.46 16.86
N THR A 78 -4.77 1.30 17.99
CA THR A 78 -4.97 2.12 19.21
C THR A 78 -3.83 3.12 19.36
N ASP A 79 -2.94 3.20 18.38
CA ASP A 79 -1.70 4.01 18.48
C ASP A 79 -2.11 5.47 18.55
N PRO A 80 -1.76 6.18 19.62
CA PRO A 80 -2.30 7.54 19.79
C PRO A 80 -1.64 8.55 18.84
N SER A 81 -0.51 8.18 18.20
CA SER A 81 0.17 9.04 17.19
C SER A 81 -0.54 8.90 15.83
N PHE A 82 -1.28 7.82 15.58
CA PHE A 82 -1.86 7.55 14.25
C PHE A 82 -2.61 8.77 13.71
N LEU A 83 -3.60 9.26 14.44
CA LEU A 83 -4.46 10.35 13.91
C LEU A 83 -3.60 11.52 13.44
N GLY A 84 -2.62 11.94 14.22
CA GLY A 84 -1.84 13.15 13.91
C GLY A 84 -0.89 12.91 12.74
N ARG A 85 -0.33 11.70 12.64
CA ARG A 85 0.50 11.30 11.47
C ARG A 85 -0.39 11.30 10.21
N TYR A 86 -1.62 10.77 10.30
CA TYR A 86 -2.60 10.78 9.19
C TYR A 86 -2.90 12.23 8.82
N MET A 87 -3.22 13.08 9.77
CA MET A 87 -3.67 14.45 9.45
C MET A 87 -2.50 15.24 8.84
N SER A 88 -1.26 14.88 9.18
CA SER A 88 -0.07 15.62 8.73
CA SER A 88 -0.03 15.59 8.74
C SER A 88 0.23 15.22 7.28
N ALA A 89 0.10 13.94 6.94
CA ALA A 89 0.19 13.46 5.54
C ALA A 89 -0.96 14.05 4.69
N LEU A 90 -2.20 13.96 5.14
CA LEU A 90 -3.39 14.50 4.44
C LEU A 90 -3.16 15.95 4.05
N ASN A 91 -2.47 16.69 4.88
CA ASN A 91 -2.32 18.15 4.69
C ASN A 91 -1.50 18.41 3.41
N HIS A 92 -0.64 17.45 3.04
CA HIS A 92 0.08 17.43 1.74
C HIS A 92 -0.79 16.71 0.70
N THR A 93 -1.29 15.50 0.96
CA THR A 93 -1.84 14.64 -0.11
C THR A 93 -3.05 15.31 -0.78
N LYS A 94 -3.82 16.09 -0.01
CA LYS A 94 -5.00 16.82 -0.57
C LYS A 94 -4.52 17.91 -1.54
N LYS A 95 -3.22 18.23 -1.61
CA LYS A 95 -2.71 19.32 -2.51
C LYS A 95 -2.02 18.71 -3.75
N TRP A 96 -1.77 17.41 -3.74
CA TRP A 96 -1.26 16.65 -4.92
C TRP A 96 -2.33 16.59 -6.03
N LYS A 97 -1.88 16.35 -7.26
CA LYS A 97 -2.74 16.10 -8.46
C LYS A 97 -2.83 14.59 -8.72
N TYR A 98 -4.03 14.12 -9.09
CA TYR A 98 -4.36 12.68 -9.22
C TYR A 98 -4.96 12.41 -10.60
N PRO A 99 -4.15 12.53 -11.67
CA PRO A 99 -4.66 12.44 -13.04
C PRO A 99 -5.16 11.04 -13.39
N GLN A 100 -6.13 10.90 -14.30
CA GLN A 100 -6.47 9.57 -14.87
C GLN A 100 -5.45 9.32 -15.98
N VAL A 101 -4.75 8.18 -15.94
CA VAL A 101 -3.73 7.81 -16.95
C VAL A 101 -4.06 6.37 -17.33
N ASN A 102 -4.50 6.13 -18.57
CA ASN A 102 -4.79 4.77 -19.10
C ASN A 102 -5.89 4.11 -18.25
N GLY A 103 -6.89 4.90 -17.84
CA GLY A 103 -8.00 4.44 -17.00
C GLY A 103 -7.60 4.08 -15.58
N LEU A 104 -6.42 4.51 -15.11
CA LEU A 104 -5.94 4.33 -13.71
C LEU A 104 -5.68 5.70 -13.07
N THR A 105 -6.02 5.88 -11.79
CA THR A 105 -5.65 7.08 -10.98
C THR A 105 -4.15 6.99 -10.65
N SER A 106 -3.36 7.93 -11.14
CA SER A 106 -1.93 8.06 -10.79
C SER A 106 -1.73 9.25 -9.84
N ILE A 107 -0.48 9.64 -9.59
CA ILE A 107 -0.20 10.88 -8.84
C ILE A 107 0.85 11.68 -9.59
N LYS A 108 0.62 12.98 -9.74
CA LYS A 108 1.67 13.89 -10.25
C LYS A 108 2.81 13.97 -9.21
N TRP A 109 4.04 13.80 -9.67
CA TRP A 109 5.30 13.92 -8.88
C TRP A 109 5.26 15.13 -7.96
N ALA A 110 5.47 14.85 -6.67
CA ALA A 110 5.59 15.79 -5.53
C ALA A 110 6.13 15.01 -4.32
N ASP A 111 6.90 15.70 -3.48
CA ASP A 111 7.35 15.25 -2.13
C ASP A 111 7.81 13.79 -2.17
N ASN A 112 8.60 13.41 -3.17
CA ASN A 112 9.17 12.03 -3.29
C ASN A 112 8.06 10.98 -3.30
N ASN A 113 6.94 11.23 -3.99
CA ASN A 113 5.80 10.27 -3.93
C ASN A 113 5.90 9.20 -5.01
N CYS A 114 6.97 9.14 -5.82
CA CYS A 114 7.05 8.17 -6.94
C CYS A 114 6.62 6.77 -6.46
N TYR A 115 7.05 6.36 -5.28
CA TYR A 115 6.76 5.00 -4.77
C TYR A 115 5.28 4.85 -4.41
N LEU A 116 4.62 5.92 -3.97
CA LEU A 116 3.17 5.83 -3.64
C LEU A 116 2.35 5.71 -4.93
N ALA A 117 2.64 6.53 -5.93
CA ALA A 117 2.02 6.39 -7.27
C ALA A 117 2.17 4.94 -7.76
N THR A 118 3.35 4.35 -7.67
CA THR A 118 3.53 2.97 -8.16
C THR A 118 2.66 2.01 -7.35
N ALA A 119 2.68 2.13 -6.04
CA ALA A 119 1.80 1.30 -5.17
C ALA A 119 0.34 1.52 -5.57
N LEU A 120 -0.10 2.77 -5.75
CA LEU A 120 -1.53 3.10 -6.00
C LEU A 120 -1.96 2.43 -7.31
N LEU A 121 -1.14 2.54 -8.36
CA LEU A 121 -1.45 1.96 -9.69
C LEU A 121 -1.55 0.44 -9.51
N THR A 122 -0.63 -0.14 -8.77
CA THR A 122 -0.59 -1.61 -8.57
C THR A 122 -1.89 -2.05 -7.90
N LEU A 123 -2.28 -1.31 -6.87
CA LEU A 123 -3.42 -1.70 -6.02
C LEU A 123 -4.71 -1.69 -6.84
N GLN A 124 -4.79 -0.90 -7.91
CA GLN A 124 -5.99 -0.83 -8.79
C GLN A 124 -6.04 -1.97 -9.81
N GLN A 125 -5.06 -2.89 -9.84
CA GLN A 125 -4.94 -4.00 -10.82
C GLN A 125 -4.80 -5.37 -10.12
N ILE A 126 -4.75 -5.42 -8.79
CA ILE A 126 -4.80 -6.71 -8.04
C ILE A 126 -6.02 -6.71 -7.12
N GLU A 127 -6.48 -7.92 -6.74
CA GLU A 127 -7.70 -8.12 -5.91
C GLU A 127 -7.29 -8.11 -4.42
N LEU A 128 -7.89 -7.24 -3.64
CA LEU A 128 -7.46 -7.02 -2.22
C LEU A 128 -8.64 -6.49 -1.43
N LYS A 129 -8.89 -7.10 -0.28
CA LYS A 129 -9.91 -6.61 0.68
C LYS A 129 -9.13 -6.08 1.90
N PHE A 130 -9.23 -4.79 2.18
CA PHE A 130 -8.61 -4.26 3.41
C PHE A 130 -9.55 -4.49 4.59
N ASN A 131 -9.00 -4.95 5.72
CA ASN A 131 -9.73 -5.22 6.98
C ASN A 131 -10.20 -3.90 7.62
N PRO A 132 -9.35 -2.86 7.76
CA PRO A 132 -9.81 -1.66 8.42
C PRO A 132 -10.81 -0.93 7.54
N PRO A 133 -12.05 -0.66 7.99
CA PRO A 133 -12.98 0.11 7.19
C PRO A 133 -12.36 1.38 6.60
N ALA A 134 -11.58 2.08 7.37
CA ALA A 134 -11.03 3.37 6.90
C ALA A 134 -10.22 3.14 5.62
N LEU A 135 -9.42 2.10 5.54
CA LEU A 135 -8.64 1.81 4.30
C LEU A 135 -9.58 1.39 3.15
N GLN A 136 -10.49 0.43 3.37
CA GLN A 136 -11.46 -0.04 2.34
C GLN A 136 -12.21 1.17 1.79
N ASP A 137 -12.76 2.01 2.65
CA ASP A 137 -13.62 3.13 2.17
C ASP A 137 -12.76 3.98 1.26
N ALA A 138 -11.51 4.21 1.67
CA ALA A 138 -10.61 5.19 1.01
C ALA A 138 -10.13 4.61 -0.30
N TYR A 139 -9.82 3.31 -0.34
CA TYR A 139 -9.47 2.54 -1.57
C TYR A 139 -10.55 2.73 -2.63
N TYR A 140 -11.81 2.53 -2.25
CA TYR A 140 -12.96 2.71 -3.16
C TYR A 140 -12.92 4.13 -3.68
N ARG A 141 -12.75 5.11 -2.81
CA ARG A 141 -12.79 6.52 -3.26
CA ARG A 141 -12.77 6.54 -3.23
C ARG A 141 -11.57 6.80 -4.14
N ALA A 142 -10.48 6.07 -3.95
CA ALA A 142 -9.27 6.30 -4.77
C ALA A 142 -9.49 5.79 -6.21
N ARG A 143 -10.03 4.56 -6.34
CA ARG A 143 -10.43 3.91 -7.62
C ARG A 143 -11.26 4.89 -8.44
N ALA A 144 -12.14 5.64 -7.81
CA ALA A 144 -13.05 6.58 -8.46
C ALA A 144 -12.43 7.96 -8.58
N GLY A 145 -11.09 8.09 -8.49
CA GLY A 145 -10.37 9.35 -8.81
C GLY A 145 -10.02 10.26 -7.62
N GLU A 146 -10.60 10.08 -6.43
CA GLU A 146 -10.33 10.89 -5.20
C GLU A 146 -9.44 10.12 -4.22
N ALA A 147 -8.12 10.27 -4.30
CA ALA A 147 -7.15 9.35 -3.68
C ALA A 147 -6.31 10.05 -2.61
N ALA A 148 -6.58 11.32 -2.30
CA ALA A 148 -5.78 12.04 -1.28
C ALA A 148 -5.80 11.25 0.06
N ASN A 149 -7.01 11.00 0.54
CA ASN A 149 -7.28 10.27 1.79
C ASN A 149 -6.53 8.94 1.81
N PHE A 150 -6.55 8.22 0.72
CA PHE A 150 -6.00 6.84 0.69
C PHE A 150 -4.48 6.96 0.79
N CYS A 151 -3.89 7.95 0.13
CA CYS A 151 -2.41 8.14 0.16
C CYS A 151 -1.97 8.53 1.58
N ALA A 152 -2.70 9.40 2.27
CA ALA A 152 -2.36 9.78 3.66
C ALA A 152 -2.40 8.53 4.54
N LEU A 153 -3.42 7.69 4.38
CA LEU A 153 -3.61 6.49 5.23
C LEU A 153 -2.41 5.58 4.97
N ILE A 154 -2.05 5.36 3.71
CA ILE A 154 -0.86 4.51 3.37
C ILE A 154 0.39 5.02 4.13
N LEU A 155 0.63 6.33 4.07
CA LEU A 155 1.76 6.94 4.81
C LEU A 155 1.61 6.61 6.30
N ALA A 156 0.50 6.96 6.93
CA ALA A 156 0.27 6.64 8.36
C ALA A 156 0.46 5.16 8.67
N TYR A 157 -0.13 4.23 7.91
CA TYR A 157 -0.09 2.79 8.28
C TYR A 157 1.36 2.24 8.15
N CYS A 158 2.17 2.85 7.28
CA CYS A 158 3.56 2.41 6.95
C CYS A 158 4.59 3.16 7.80
N ASN A 159 4.17 4.06 8.67
CA ASN A 159 5.11 4.85 9.53
C ASN A 159 6.07 5.61 8.62
N LYS A 160 5.52 6.27 7.61
CA LYS A 160 6.24 7.13 6.67
C LYS A 160 5.63 8.53 6.76
N THR A 161 6.47 9.56 6.63
CA THR A 161 6.04 10.96 6.51
C THR A 161 6.26 11.41 5.06
N VAL A 162 5.50 12.40 4.65
CA VAL A 162 5.71 13.05 3.34
C VAL A 162 7.20 13.43 3.24
N GLY A 163 7.81 13.08 2.12
CA GLY A 163 9.16 13.41 1.67
C GLY A 163 10.10 12.23 1.86
N GLU A 164 9.77 11.36 2.81
CA GLU A 164 10.59 10.16 3.17
C GLU A 164 10.72 9.29 1.89
N LEU A 165 11.88 8.69 1.70
CA LEU A 165 12.16 7.82 0.52
C LEU A 165 11.52 6.46 0.82
N GLY A 166 10.81 5.89 -0.14
CA GLY A 166 9.90 4.75 0.08
C GLY A 166 10.23 3.62 -0.85
N ASP A 167 10.19 2.38 -0.32
CA ASP A 167 10.37 1.14 -1.11
C ASP A 167 8.96 0.60 -1.41
N VAL A 168 8.66 0.31 -2.66
CA VAL A 168 7.32 -0.25 -3.03
C VAL A 168 7.10 -1.63 -2.37
N ARG A 169 8.07 -2.53 -2.41
CA ARG A 169 7.91 -3.87 -1.78
C ARG A 169 7.59 -3.71 -0.29
N GLU A 170 8.22 -2.77 0.39
CA GLU A 170 8.03 -2.59 1.85
C GLU A 170 6.60 -2.09 2.08
N THR A 171 6.15 -1.12 1.28
CA THR A 171 4.79 -0.54 1.33
C THR A 171 3.73 -1.63 1.03
N MET A 172 3.93 -2.44 -0.03
CA MET A 172 2.96 -3.50 -0.35
C MET A 172 2.91 -4.45 0.86
N SER A 173 4.06 -4.77 1.45
CA SER A 173 4.13 -5.75 2.55
C SER A 173 3.26 -5.27 3.73
N TYR A 174 3.35 -4.01 4.07
CA TYR A 174 2.59 -3.40 5.18
C TYR A 174 1.11 -3.39 4.82
N LEU A 175 0.77 -3.02 3.60
CA LEU A 175 -0.65 -2.97 3.20
C LEU A 175 -1.26 -4.38 3.21
N PHE A 176 -0.55 -5.38 2.74
CA PHE A 176 -1.03 -6.77 2.67
C PHE A 176 -1.33 -7.25 4.10
N GLN A 177 -0.54 -6.81 5.06
CA GLN A 177 -0.71 -7.22 6.48
C GLN A 177 -2.00 -6.58 7.03
N HIS A 178 -2.57 -5.59 6.38
CA HIS A 178 -3.88 -4.98 6.71
C HIS A 178 -4.97 -5.50 5.77
N ALA A 179 -4.71 -6.51 4.93
CA ALA A 179 -5.72 -7.05 3.99
C ALA A 179 -6.13 -8.46 4.38
N ASN A 180 -7.24 -8.96 3.87
CA ASN A 180 -7.66 -10.36 4.13
C ASN A 180 -6.90 -11.30 3.20
N LEU A 181 -5.85 -11.94 3.69
CA LEU A 181 -5.10 -12.93 2.89
C LEU A 181 -5.09 -14.30 3.59
N ASP A 182 -6.08 -14.55 4.45
CA ASP A 182 -6.20 -15.79 5.28
C ASP A 182 -6.33 -17.00 4.35
N SER A 183 -7.28 -16.99 3.42
CA SER A 183 -7.44 -18.03 2.37
CA SER A 183 -7.44 -18.01 2.36
C SER A 183 -6.07 -18.36 1.76
N CYS A 184 -5.23 -17.35 1.51
CA CYS A 184 -4.00 -17.53 0.67
C CYS A 184 -3.09 -18.58 1.29
N LYS A 185 -2.58 -19.49 0.45
CA LYS A 185 -1.79 -20.66 0.88
C LYS A 185 -0.68 -20.91 -0.16
N ARG A 186 0.52 -21.23 0.32
CA ARG A 186 1.70 -21.52 -0.51
C ARG A 186 2.36 -22.76 0.08
N VAL A 187 2.48 -23.82 -0.70
CA VAL A 187 3.25 -25.05 -0.34
C VAL A 187 4.52 -25.07 -1.19
N LEU A 188 5.68 -25.15 -0.53
CA LEU A 188 7.02 -25.26 -1.16
C LEU A 188 7.62 -26.61 -0.78
N ASN A 189 8.46 -27.15 -1.65
CA ASN A 189 9.31 -28.32 -1.33
C ASN A 189 10.75 -27.83 -1.49
N VAL A 190 11.63 -28.32 -0.61
CA VAL A 190 13.08 -27.98 -0.56
C VAL A 190 13.84 -29.31 -0.71
N VAL A 191 14.75 -29.41 -1.68
CA VAL A 191 15.47 -30.65 -2.06
C VAL A 191 16.99 -30.43 -1.95
N CYS A 192 17.62 -31.04 -0.92
CA CYS A 192 19.09 -31.16 -0.70
C CYS A 192 19.48 -32.61 -0.99
N LYS A 193 20.67 -32.85 -1.56
CA LYS A 193 21.22 -34.22 -1.78
C LYS A 193 21.30 -34.96 -0.44
N THR A 194 21.76 -34.29 0.63
CA THR A 194 21.98 -34.86 1.98
C THR A 194 20.67 -34.83 2.78
N CYS A 195 20.26 -33.68 3.37
CA CYS A 195 19.10 -33.62 4.32
C CYS A 195 17.88 -34.22 3.60
N GLY A 196 17.79 -34.02 2.28
CA GLY A 196 16.76 -34.62 1.43
C GLY A 196 15.65 -33.62 1.09
N GLN A 197 14.41 -33.93 1.50
CA GLN A 197 13.17 -33.28 1.01
C GLN A 197 12.30 -32.86 2.18
N GLN A 198 12.10 -31.55 2.34
CA GLN A 198 11.14 -30.97 3.31
C GLN A 198 10.20 -30.01 2.58
N GLN A 199 8.92 -30.12 2.92
CA GLN A 199 7.79 -29.30 2.42
C GLN A 199 7.38 -28.36 3.55
N THR A 200 7.01 -27.12 3.24
CA THR A 200 6.54 -26.09 4.21
C THR A 200 5.30 -25.42 3.62
N THR A 201 4.34 -25.09 4.48
CA THR A 201 3.06 -24.42 4.12
C THR A 201 3.14 -23.00 4.68
N LEU A 202 3.17 -21.97 3.82
CA LEU A 202 3.06 -20.55 4.22
C LEU A 202 1.62 -20.10 3.96
N LYS A 203 1.16 -19.13 4.75
CA LYS A 203 -0.21 -18.54 4.74
C LYS A 203 -0.09 -17.02 4.85
N GLY A 204 -1.12 -16.31 4.40
CA GLY A 204 -1.21 -14.83 4.43
C GLY A 204 -0.16 -14.17 3.55
N VAL A 205 0.37 -13.05 4.04
CA VAL A 205 1.39 -12.24 3.31
C VAL A 205 2.54 -13.11 2.80
N GLU A 206 3.02 -14.05 3.59
CA GLU A 206 4.25 -14.82 3.20
C GLU A 206 3.91 -15.70 1.99
N ALA A 207 2.60 -15.95 1.76
CA ALA A 207 2.09 -16.82 0.67
C ALA A 207 2.10 -16.06 -0.66
N VAL A 208 2.10 -14.73 -0.67
CA VAL A 208 2.00 -13.93 -1.93
C VAL A 208 3.30 -13.20 -2.31
N MET A 209 4.27 -13.08 -1.40
CA MET A 209 5.54 -12.35 -1.62
C MET A 209 6.70 -13.33 -1.57
N TYR A 210 7.62 -13.25 -2.53
CA TYR A 210 8.95 -13.93 -2.55
C TYR A 210 9.95 -12.85 -2.95
N MET A 211 11.09 -12.83 -2.26
CA MET A 211 12.21 -11.93 -2.59
C MET A 211 13.31 -12.82 -3.14
N GLY A 212 13.80 -12.58 -4.37
CA GLY A 212 14.99 -13.30 -4.90
C GLY A 212 14.95 -13.58 -6.39
N THR A 213 13.76 -13.60 -7.01
CA THR A 213 13.63 -13.62 -8.49
C THR A 213 12.31 -12.94 -8.87
N LEU A 214 12.31 -12.35 -10.07
CA LEU A 214 11.16 -11.67 -10.68
C LEU A 214 10.23 -12.69 -11.35
N SER A 215 10.72 -13.84 -11.80
CA SER A 215 10.01 -14.76 -12.75
C SER A 215 9.15 -15.77 -11.99
N TYR A 216 7.83 -15.66 -12.06
CA TYR A 216 6.93 -16.71 -11.53
C TYR A 216 7.25 -18.05 -12.18
N GLU A 217 7.51 -18.11 -13.49
CA GLU A 217 7.98 -19.36 -14.15
C GLU A 217 9.12 -19.98 -13.33
N GLN A 218 10.17 -19.20 -13.09
CA GLN A 218 11.45 -19.70 -12.52
C GLN A 218 11.18 -20.26 -11.13
N PHE A 219 10.25 -19.68 -10.38
CA PHE A 219 9.83 -20.16 -9.03
C PHE A 219 9.19 -21.55 -9.13
N LYS A 220 8.50 -21.83 -10.23
CA LYS A 220 7.77 -23.09 -10.47
C LYS A 220 8.78 -24.19 -10.85
N LYS A 221 9.81 -23.83 -11.62
CA LYS A 221 10.91 -24.74 -12.05
C LYS A 221 11.85 -25.00 -10.87
N GLY A 222 12.10 -24.00 -10.03
CA GLY A 222 12.96 -24.11 -8.84
C GLY A 222 14.02 -23.03 -8.86
N VAL A 223 14.56 -22.70 -7.69
CA VAL A 223 15.65 -21.71 -7.52
C VAL A 223 16.60 -22.24 -6.45
N GLN A 224 17.89 -21.94 -6.61
CA GLN A 224 18.95 -22.45 -5.71
C GLN A 224 18.94 -21.59 -4.44
N ILE A 225 18.77 -22.20 -3.26
CA ILE A 225 18.93 -21.51 -1.94
C ILE A 225 19.94 -22.27 -1.07
N PRO A 226 20.68 -21.57 -0.16
CA PRO A 226 21.37 -22.24 0.94
C PRO A 226 20.52 -23.29 1.68
N CYS A 227 21.13 -24.40 2.07
CA CYS A 227 20.58 -25.36 3.07
C CYS A 227 21.39 -25.20 4.37
N THR A 228 20.72 -25.36 5.52
CA THR A 228 21.32 -25.26 6.88
C THR A 228 22.38 -26.38 7.08
N CYS A 229 22.31 -27.47 6.31
CA CYS A 229 23.35 -28.54 6.24
C CYS A 229 24.67 -27.94 5.72
N GLY A 230 24.59 -26.89 4.89
CA GLY A 230 25.75 -26.16 4.33
C GLY A 230 25.84 -26.28 2.81
N LYS A 231 25.12 -27.25 2.23
CA LYS A 231 25.05 -27.48 0.77
C LYS A 231 24.11 -26.44 0.13
N GLN A 232 24.08 -26.38 -1.22
CA GLN A 232 23.05 -25.68 -2.03
C GLN A 232 21.88 -26.65 -2.28
N ALA A 233 20.64 -26.16 -2.18
CA ALA A 233 19.38 -26.94 -2.30
C ALA A 233 18.44 -26.23 -3.28
N THR A 234 17.32 -26.87 -3.64
CA THR A 234 16.32 -26.34 -4.60
C THR A 234 14.98 -26.16 -3.89
N LYS A 235 14.45 -24.95 -3.99
CA LYS A 235 13.08 -24.57 -3.56
C LYS A 235 12.23 -24.49 -4.84
N TYR A 236 11.12 -25.22 -4.90
CA TYR A 236 10.15 -25.06 -6.01
C TYR A 236 8.74 -24.94 -5.42
N LEU A 237 7.84 -24.38 -6.22
CA LEU A 237 6.44 -24.09 -5.81
C LEU A 237 5.55 -25.29 -6.15
N VAL A 238 5.00 -25.88 -5.10
CA VAL A 238 4.16 -27.10 -5.16
C VAL A 238 2.73 -26.66 -5.45
N GLN A 239 2.20 -25.75 -4.63
CA GLN A 239 0.77 -25.36 -4.69
C GLN A 239 0.64 -23.88 -4.32
N GLN A 240 -0.08 -23.09 -5.13
CA GLN A 240 -0.38 -21.66 -4.89
C GLN A 240 -1.89 -21.44 -4.91
N GLU A 241 -2.46 -20.93 -3.82
CA GLU A 241 -3.89 -20.52 -3.77
C GLU A 241 -3.98 -19.04 -3.35
N SER A 242 -3.94 -18.15 -4.34
CA SER A 242 -4.09 -16.70 -4.13
C SER A 242 -4.58 -16.02 -5.41
N PRO A 243 -5.23 -14.85 -5.31
CA PRO A 243 -5.63 -14.09 -6.51
C PRO A 243 -4.47 -13.43 -7.24
N PHE A 244 -3.31 -13.32 -6.60
CA PHE A 244 -2.09 -12.78 -7.29
C PHE A 244 -0.86 -13.33 -6.59
N VAL A 245 0.30 -13.08 -7.17
CA VAL A 245 1.62 -13.18 -6.47
C VAL A 245 2.47 -11.95 -6.78
N MET A 246 3.28 -11.56 -5.82
CA MET A 246 4.31 -10.51 -5.97
C MET A 246 5.68 -11.21 -5.93
N MET A 247 6.46 -10.99 -6.97
CA MET A 247 7.83 -11.53 -7.22
C MET A 247 8.80 -10.34 -7.26
N SER A 248 9.79 -10.32 -6.37
CA SER A 248 10.67 -9.15 -6.14
C SER A 248 12.12 -9.64 -6.14
N ALA A 249 13.03 -8.74 -6.56
CA ALA A 249 14.51 -8.89 -6.56
C ALA A 249 15.18 -7.53 -6.59
N PRO A 250 16.48 -7.46 -6.21
CA PRO A 250 17.23 -6.22 -6.32
C PRO A 250 17.12 -5.78 -7.77
N PRO A 251 17.01 -4.48 -8.09
CA PRO A 251 16.88 -4.02 -9.47
C PRO A 251 17.94 -4.62 -10.41
N ALA A 252 17.52 -5.05 -11.60
CA ALA A 252 18.37 -5.62 -12.67
C ALA A 252 17.65 -5.47 -14.01
N GLN A 253 18.39 -5.48 -15.11
CA GLN A 253 17.82 -5.47 -16.47
C GLN A 253 16.97 -6.74 -16.61
N TYR A 254 15.72 -6.56 -17.03
CA TYR A 254 14.70 -7.62 -17.20
C TYR A 254 13.81 -7.26 -18.37
N GLU A 255 13.46 -8.28 -19.15
CA GLU A 255 12.59 -8.16 -20.33
C GLU A 255 11.17 -8.50 -19.86
N LEU A 256 10.21 -7.64 -20.20
CA LEU A 256 8.76 -7.78 -19.86
C LEU A 256 7.99 -8.01 -21.16
N LYS A 257 7.33 -9.17 -21.29
CA LYS A 257 6.60 -9.57 -22.52
C LYS A 257 5.10 -9.30 -22.34
N HIS A 258 4.46 -8.65 -23.32
CA HIS A 258 3.00 -8.39 -23.33
C HIS A 258 2.26 -9.66 -22.93
N GLY A 259 1.38 -9.62 -21.93
CA GLY A 259 0.41 -10.70 -21.66
C GLY A 259 0.92 -11.77 -20.70
N THR A 260 2.16 -11.70 -20.23
CA THR A 260 2.76 -12.77 -19.35
C THR A 260 2.88 -12.34 -17.88
N PHE A 261 2.52 -11.10 -17.57
CA PHE A 261 2.47 -10.49 -16.20
C PHE A 261 1.31 -9.48 -16.16
N THR A 262 0.91 -8.98 -14.98
CA THR A 262 -0.11 -7.92 -14.83
C THR A 262 0.54 -6.53 -14.86
N CYS A 263 1.54 -6.30 -14.00
CA CYS A 263 2.18 -4.97 -13.82
C CYS A 263 3.50 -5.12 -13.06
N ALA A 264 4.38 -4.12 -13.11
CA ALA A 264 5.77 -4.20 -12.56
C ALA A 264 6.28 -2.84 -12.05
N SER A 265 7.20 -2.87 -11.09
CA SER A 265 7.92 -1.68 -10.58
C SER A 265 9.27 -1.57 -11.30
N GLU A 266 9.49 -0.50 -12.08
CA GLU A 266 10.81 -0.09 -12.65
C GLU A 266 11.51 0.81 -11.62
N TYR A 267 12.78 0.56 -11.27
CA TYR A 267 13.52 1.45 -10.32
C TYR A 267 14.87 1.85 -10.91
N THR A 268 15.11 3.16 -11.04
CA THR A 268 16.32 3.80 -11.63
C THR A 268 17.08 4.59 -10.55
N GLY A 269 18.41 4.44 -10.52
CA GLY A 269 19.31 5.27 -9.70
C GLY A 269 19.75 4.53 -8.45
N ASN A 270 20.29 5.29 -7.49
CA ASN A 270 20.96 4.77 -6.28
C ASN A 270 19.92 4.24 -5.30
N TYR A 271 20.30 3.21 -4.52
CA TYR A 271 19.66 2.82 -3.24
C TYR A 271 19.09 4.08 -2.57
N GLN A 272 17.84 4.00 -2.20
CA GLN A 272 17.01 5.06 -1.53
C GLN A 272 16.66 6.28 -2.43
N CYS A 273 17.63 7.06 -2.94
CA CYS A 273 17.32 8.37 -3.60
C CYS A 273 17.06 8.24 -5.12
N GLY A 274 16.69 7.05 -5.63
CA GLY A 274 16.25 6.84 -7.02
C GLY A 274 14.74 6.98 -7.16
N HIS A 275 14.20 6.62 -8.32
CA HIS A 275 12.79 6.90 -8.67
C HIS A 275 12.18 5.67 -9.35
N TYR A 276 10.95 5.37 -8.99
CA TYR A 276 10.13 4.29 -9.58
C TYR A 276 9.35 4.83 -10.78
N LYS A 277 9.06 3.96 -11.74
CA LYS A 277 7.92 4.10 -12.68
C LYS A 277 7.17 2.76 -12.74
N HIS A 278 5.99 2.79 -13.34
CA HIS A 278 5.05 1.63 -13.35
C HIS A 278 4.85 1.12 -14.79
N ILE A 279 5.09 -0.17 -15.02
CA ILE A 279 4.82 -0.88 -16.31
C ILE A 279 3.56 -1.73 -16.15
N THR A 280 2.56 -1.53 -17.02
CA THR A 280 1.34 -2.35 -16.97
C THR A 280 1.11 -2.98 -18.34
N SER A 281 0.78 -4.26 -18.37
CA SER A 281 0.40 -5.04 -19.59
C SER A 281 -1.09 -4.89 -19.85
N LYS A 282 -1.48 -4.17 -20.89
CA LYS A 282 -2.86 -4.07 -21.42
C LYS A 282 -2.87 -4.65 -22.84
N GLU A 283 -3.45 -3.95 -23.81
CA GLU A 283 -3.39 -4.42 -25.22
C GLU A 283 -1.97 -4.23 -25.74
N THR A 284 -1.19 -3.30 -25.16
CA THR A 284 0.28 -3.14 -25.36
C THR A 284 0.89 -2.80 -24.00
N LEU A 285 2.21 -2.60 -23.89
CA LEU A 285 2.87 -2.21 -22.61
C LEU A 285 2.77 -0.70 -22.47
N TYR A 286 2.44 -0.24 -21.27
CA TYR A 286 2.28 1.19 -20.93
C TYR A 286 3.22 1.45 -19.77
N CYS A 287 4.00 2.52 -19.88
CA CYS A 287 4.83 3.02 -18.77
C CYS A 287 4.15 4.29 -18.23
N ILE A 288 3.83 4.26 -16.94
CA ILE A 288 3.21 5.39 -16.20
C ILE A 288 4.25 5.98 -15.24
N ASP A 289 4.65 7.22 -15.51
CA ASP A 289 5.58 8.05 -14.71
C ASP A 289 4.77 9.26 -14.22
N GLY A 290 4.01 9.04 -13.14
CA GLY A 290 3.12 10.05 -12.57
C GLY A 290 2.04 10.47 -13.54
N ALA A 291 2.13 11.67 -14.08
CA ALA A 291 1.15 12.25 -15.01
C ALA A 291 1.47 11.78 -16.42
N LEU A 292 2.70 11.30 -16.65
CA LEU A 292 3.23 11.02 -18.01
C LEU A 292 2.94 9.58 -18.39
N LEU A 293 2.64 9.37 -19.67
CA LEU A 293 2.31 8.05 -20.27
C LEU A 293 3.14 7.86 -21.54
N THR A 294 3.88 6.77 -21.61
CA THR A 294 4.47 6.24 -22.87
C THR A 294 3.96 4.80 -23.02
N LYS A 295 4.09 4.26 -24.22
CA LYS A 295 3.69 2.89 -24.60
C LYS A 295 4.69 2.34 -25.61
N SER A 296 4.87 1.02 -25.60
CA SER A 296 5.70 0.24 -26.56
C SER A 296 5.28 -1.24 -26.52
N SER A 297 5.65 -2.03 -27.53
CA SER A 297 5.21 -3.44 -27.66
C SER A 297 6.17 -4.35 -26.91
N GLU A 298 7.41 -3.90 -26.74
CA GLU A 298 8.45 -4.63 -25.96
C GLU A 298 8.94 -3.71 -24.85
N TYR A 299 9.58 -4.30 -23.82
CA TYR A 299 10.26 -3.55 -22.73
C TYR A 299 11.43 -4.34 -22.12
N LYS A 300 12.61 -3.70 -22.11
CA LYS A 300 13.79 -4.09 -21.29
C LYS A 300 14.21 -2.89 -20.42
N GLY A 301 14.45 -3.14 -19.14
CA GLY A 301 14.90 -2.08 -18.22
C GLY A 301 14.96 -2.61 -16.81
N PRO A 302 15.34 -1.73 -15.86
CA PRO A 302 15.60 -2.13 -14.48
C PRO A 302 14.30 -2.35 -13.69
N ILE A 303 14.01 -3.60 -13.33
CA ILE A 303 12.75 -4.05 -12.65
C ILE A 303 13.13 -4.67 -11.31
N THR A 304 12.32 -4.40 -10.27
CA THR A 304 12.49 -4.92 -8.88
C THR A 304 11.20 -5.62 -8.41
N ASP A 305 10.05 -5.34 -9.01
CA ASP A 305 8.83 -6.12 -8.69
C ASP A 305 8.04 -6.46 -9.95
N VAL A 306 7.50 -7.68 -9.99
CA VAL A 306 6.50 -8.10 -11.02
C VAL A 306 5.30 -8.74 -10.30
N PHE A 307 4.09 -8.36 -10.72
CA PHE A 307 2.80 -8.91 -10.20
C PHE A 307 2.18 -9.78 -11.30
N TYR A 308 1.70 -10.96 -10.89
CA TYR A 308 1.10 -11.99 -11.77
C TYR A 308 -0.29 -12.33 -11.24
N LYS A 309 -1.21 -12.67 -12.15
CA LYS A 309 -2.55 -13.19 -11.80
C LYS A 309 -2.42 -14.65 -11.35
N GLU A 310 -3.29 -15.10 -10.44
CA GLU A 310 -3.33 -16.53 -9.99
C GLU A 310 -4.75 -16.84 -9.47
N ASN A 311 -5.08 -18.13 -9.33
CA ASN A 311 -6.29 -18.58 -8.57
C ASN A 311 -5.91 -19.85 -7.80
N SER A 312 -5.64 -20.95 -8.51
CA SER A 312 -5.19 -22.28 -8.02
C SER A 312 -4.11 -22.82 -8.97
N TYR A 313 -2.96 -23.17 -8.43
CA TYR A 313 -1.87 -23.80 -9.19
C TYR A 313 -1.37 -25.00 -8.38
N THR A 314 -1.13 -26.10 -9.09
CA THR A 314 -0.50 -27.34 -8.58
C THR A 314 0.52 -27.81 -9.63
N THR A 315 1.73 -28.15 -9.19
CA THR A 315 2.92 -28.48 -10.03
C THR A 315 2.71 -29.86 -10.64
N THR A 316 3.37 -30.14 -11.77
CA THR A 316 3.36 -31.47 -12.44
C THR A 316 4.72 -32.18 -12.26
N ILE A 317 5.26 -32.33 -11.03
CA ILE A 317 6.64 -32.88 -10.77
C ILE A 317 6.59 -34.25 -10.06
O Y96 B . 16.33 1.63 -3.06
C Y96 B . 15.37 1.06 -2.54
C13 Y96 B . 14.81 1.65 -1.31
C19 Y96 B . 14.03 2.90 -1.30
C20 Y96 B . 13.76 3.63 -2.59
C18 Y96 B . 13.56 3.38 -0.08
C17 Y96 B . 13.85 2.66 1.09
C15 Y96 B . 14.60 1.49 1.02
C21 Y96 B . 14.95 0.67 2.19
N22 Y96 B . 14.60 0.99 3.34
O23 Y96 B . 14.94 0.15 4.41
C14 Y96 B . 15.05 0.97 -0.18
N Y96 B . 14.75 -0.05 -2.99
C1 Y96 B . 15.12 -0.69 -4.24
C12 Y96 B . 13.90 -1.12 -4.97
C2 Y96 B . 16.12 -1.76 -3.91
C7 Y96 B . 17.54 -1.64 -4.34
C8 Y96 B . 18.01 -0.58 -5.09
C9 Y96 B . 19.37 -0.58 -5.46
C10 Y96 B . 20.26 -1.60 -5.12
C11 Y96 B . 19.84 -2.67 -4.37
C6 Y96 B . 18.49 -2.72 -3.97
C5 Y96 B . 18.00 -3.78 -3.22
C4 Y96 B . 16.68 -3.85 -2.79
C3 Y96 B . 15.75 -2.86 -3.13
ZN ZN C . 20.73 -30.43 3.79
ZN ZN D . 3.83 18.84 0.47
ZN ZN E . -7.24 -5.28 11.63
ZN ZN F . 10.79 9.70 -6.50
CL CL G . -5.89 -4.60 9.89
CL CL H . -6.17 -5.15 13.98
CL CL I . 1.88 20.98 0.77
CL CL J . 9.26 11.94 -6.87
O1 MES K . 11.67 12.09 -15.31
C2 MES K . 10.78 12.53 -16.33
C3 MES K . 9.70 13.45 -15.79
N4 MES K . 8.93 12.75 -14.70
C5 MES K . 9.90 12.24 -13.67
C6 MES K . 10.98 11.39 -14.30
C7 MES K . 7.88 13.65 -14.10
C8 MES K . 6.62 12.92 -13.70
S MES K . 5.21 14.00 -13.49
O1S MES K . 4.69 14.21 -14.80
O2S MES K . 5.68 15.23 -12.89
O3S MES K . 4.28 13.31 -12.64
#